data_7MG7
#
_entry.id   7MG7
#
_cell.length_a   65.869
_cell.length_b   70.400
_cell.length_c   125.090
_cell.angle_alpha   90.00
_cell.angle_beta   90.00
_cell.angle_gamma   90.00
#
_symmetry.space_group_name_H-M   'P 21 2 21'
#
loop_
_entity.id
_entity.type
_entity.pdbx_description
1 polymer Concanavalin-A
2 polymer "DNA (5'-D(P*GP*TP*AP*C)-3')"
3 non-polymer 'MANGANESE (II) ION'
4 non-polymer 'CALCIUM ION'
5 non-polymer alpha-D-mannopyranose
6 non-polymer 3-{[2-(2-hydroxyethoxy)ethyl]amino}-4-[(6-hydroxyhexyl)amino]cyclobut-3-ene-1,2-dione
7 water water
#
loop_
_entity_poly.entity_id
_entity_poly.type
_entity_poly.pdbx_seq_one_letter_code
_entity_poly.pdbx_strand_id
1 'polypeptide(L)'
;ADTIVAVELDTYPNTDIGDPSYPHIGIDIKSVRSKKTAKWNMQNGKVGTAHIIYNSVDKRLSAVVSYPNADSATVSYDVD
LDNVLPEWVRVGLSASTGLYKETNTILSWSFTSKLKSNSTHETNALHFMFNQFSKDQKDLILQGDATTGTDGNLELTRVS
SNGSPQGSSVGRALFYAPVHIWESSAVVASFEATFTFLIKSPDSHPADGIAFFISNIDSSIPSGSTGRLLGLFPDAN
;
A,B
2 'polydeoxyribonucleotide' (DG)(DT)(DA)(DC) C,D
#
# COMPACT_ATOMS: atom_id res chain seq x y z
N ALA A 1 5.81 -10.06 -23.36
CA ALA A 1 4.76 -10.48 -22.45
C ALA A 1 5.16 -10.12 -21.00
N ASP A 2 4.19 -10.25 -20.08
CA ASP A 2 4.42 -10.05 -18.64
C ASP A 2 5.43 -11.09 -18.14
N THR A 3 5.96 -10.83 -16.94
CA THR A 3 6.75 -11.79 -16.14
C THR A 3 5.86 -12.19 -14.96
N ILE A 4 5.50 -13.46 -14.89
CA ILE A 4 4.60 -14.05 -13.88
C ILE A 4 5.29 -15.11 -13.05
N VAL A 5 5.17 -14.98 -11.73
CA VAL A 5 5.38 -16.07 -10.74
C VAL A 5 4.05 -16.27 -10.03
N ALA A 6 3.55 -17.49 -9.93
CA ALA A 6 2.24 -17.76 -9.35
C ALA A 6 2.20 -19.06 -8.60
N VAL A 7 1.26 -19.10 -7.65
CA VAL A 7 0.82 -20.34 -7.01
C VAL A 7 -0.59 -20.62 -7.52
N GLU A 8 -0.78 -21.75 -8.23
CA GLU A 8 -2.09 -22.05 -8.82
C GLU A 8 -2.82 -23.06 -7.93
N LEU A 9 -4.11 -22.79 -7.74
CA LEU A 9 -5.08 -23.76 -7.16
C LEU A 9 -5.88 -24.23 -8.39
N ASP A 10 -5.44 -25.32 -9.03
CA ASP A 10 -5.90 -25.72 -10.40
C ASP A 10 -6.94 -26.81 -10.21
N THR A 11 -8.23 -26.51 -10.47
CA THR A 11 -9.39 -27.36 -10.15
C THR A 11 -9.63 -28.32 -11.31
N TYR A 12 -9.01 -28.10 -12.46
CA TYR A 12 -9.35 -28.80 -13.71
C TYR A 12 -8.11 -29.31 -14.43
N PRO A 13 -8.00 -30.65 -14.56
CA PRO A 13 -6.86 -31.22 -15.26
C PRO A 13 -6.89 -31.04 -16.77
N ASN A 14 -5.88 -30.34 -17.27
CA ASN A 14 -5.62 -30.11 -18.72
C ASN A 14 -4.40 -30.95 -19.07
N THR A 15 -4.57 -32.27 -19.20
CA THR A 15 -3.41 -33.20 -19.33
C THR A 15 -2.65 -32.86 -20.60
N ASP A 16 -3.30 -32.28 -21.60
CA ASP A 16 -2.62 -31.87 -22.86
C ASP A 16 -1.51 -30.84 -22.63
N ILE A 17 -1.55 -30.07 -21.53
CA ILE A 17 -0.50 -29.04 -21.24
C ILE A 17 0.23 -29.40 -19.96
N GLY A 18 0.22 -30.67 -19.58
CA GLY A 18 1.11 -31.20 -18.53
C GLY A 18 0.51 -31.13 -17.14
N ASP A 19 -0.74 -30.72 -16.98
CA ASP A 19 -1.40 -30.91 -15.65
C ASP A 19 -1.40 -32.40 -15.31
N PRO A 20 -1.28 -32.77 -14.02
CA PRO A 20 -1.62 -34.11 -13.58
C PRO A 20 -3.11 -34.39 -13.77
N SER A 21 -3.50 -35.65 -13.66
CA SER A 21 -4.87 -36.14 -13.94
C SER A 21 -5.84 -35.82 -12.80
N TYR A 22 -5.46 -34.93 -11.87
CA TYR A 22 -6.29 -34.63 -10.70
C TYR A 22 -6.13 -33.14 -10.38
N PRO A 23 -7.11 -32.54 -9.71
CA PRO A 23 -6.99 -31.17 -9.19
C PRO A 23 -5.71 -31.10 -8.36
N HIS A 24 -5.00 -29.99 -8.43
CA HIS A 24 -3.62 -29.90 -7.91
C HIS A 24 -3.36 -28.46 -7.53
N ILE A 25 -2.35 -28.27 -6.70
CA ILE A 25 -1.72 -26.94 -6.52
C ILE A 25 -0.38 -27.02 -7.22
N GLY A 26 0.10 -25.88 -7.66
CA GLY A 26 1.34 -25.80 -8.39
C GLY A 26 2.06 -24.48 -8.21
N ILE A 27 3.35 -24.53 -8.49
CA ILE A 27 4.24 -23.37 -8.56
C ILE A 27 4.57 -23.14 -10.02
N ASP A 28 4.15 -21.99 -10.51
CA ASP A 28 4.30 -21.54 -11.91
C ASP A 28 5.35 -20.45 -11.99
N ILE A 29 6.47 -20.75 -12.66
CA ILE A 29 7.54 -19.74 -12.91
C ILE A 29 7.59 -19.46 -14.41
N LYS A 30 6.94 -18.38 -14.82
CA LYS A 30 6.94 -17.85 -16.20
C LYS A 30 6.32 -18.86 -17.17
N SER A 31 5.55 -19.81 -16.68
CA SER A 31 4.84 -20.82 -17.53
C SER A 31 3.65 -21.40 -16.77
N VAL A 32 2.54 -21.64 -17.47
CA VAL A 32 1.36 -22.32 -16.88
C VAL A 32 1.70 -23.79 -16.57
N ARG A 33 2.78 -24.32 -17.18
CA ARG A 33 3.23 -25.71 -16.91
C ARG A 33 4.09 -25.68 -15.63
N SER A 34 3.42 -26.01 -14.53
CA SER A 34 3.95 -25.84 -13.15
C SER A 34 5.31 -26.53 -13.12
N LYS A 35 6.26 -25.90 -12.45
CA LYS A 35 7.58 -26.48 -12.11
C LYS A 35 7.39 -27.57 -11.07
N LYS A 36 6.35 -27.50 -10.24
CA LYS A 36 6.06 -28.51 -9.21
C LYS A 36 4.58 -28.47 -8.89
N THR A 37 4.01 -29.64 -8.59
CA THR A 37 2.60 -29.81 -8.24
C THR A 37 2.48 -30.77 -7.07
N ALA A 38 1.36 -30.65 -6.39
CA ALA A 38 0.88 -31.61 -5.40
C ALA A 38 -0.61 -31.84 -5.63
N LYS A 39 -1.06 -33.05 -5.34
CA LYS A 39 -2.49 -33.40 -5.42
C LYS A 39 -3.26 -32.54 -4.41
N TRP A 40 -4.41 -32.08 -4.85
CA TRP A 40 -5.28 -31.21 -4.05
C TRP A 40 -6.71 -31.75 -4.06
N ASN A 41 -7.20 -32.09 -2.88
CA ASN A 41 -8.59 -32.56 -2.66
C ASN A 41 -9.49 -31.32 -2.51
N MET A 42 -9.80 -30.63 -3.62
CA MET A 42 -10.65 -29.40 -3.61
C MET A 42 -12.05 -29.79 -3.13
N GLN A 43 -12.64 -29.08 -2.19
CA GLN A 43 -13.97 -29.40 -1.61
C GLN A 43 -15.00 -28.39 -2.14
N ASN A 44 -15.85 -28.83 -3.06
CA ASN A 44 -16.88 -27.98 -3.72
C ASN A 44 -17.77 -27.37 -2.64
N GLY A 45 -17.90 -26.05 -2.60
CA GLY A 45 -18.82 -25.33 -1.69
C GLY A 45 -18.22 -25.05 -0.33
N LYS A 46 -16.98 -25.42 -0.07
CA LYS A 46 -16.39 -25.26 1.28
C LYS A 46 -15.39 -24.09 1.24
N VAL A 47 -15.24 -23.36 2.35
CA VAL A 47 -14.25 -22.25 2.40
C VAL A 47 -12.87 -22.83 2.66
N GLY A 48 -11.92 -22.57 1.77
CA GLY A 48 -10.53 -23.01 1.94
C GLY A 48 -9.60 -21.85 2.25
N THR A 49 -8.37 -22.17 2.64
CA THR A 49 -7.34 -21.15 3.00
C THR A 49 -6.05 -21.51 2.30
N ALA A 50 -5.40 -20.55 1.62
CA ALA A 50 -4.10 -20.71 0.97
C ALA A 50 -3.10 -19.83 1.70
N HIS A 51 -1.92 -20.36 1.96
CA HIS A 51 -0.77 -19.66 2.60
C HIS A 51 0.41 -19.79 1.66
N ILE A 52 1.06 -18.70 1.34
CA ILE A 52 2.20 -18.69 0.41
C ILE A 52 3.35 -17.97 1.13
N ILE A 53 4.53 -18.58 1.13
CA ILE A 53 5.69 -18.02 1.86
C ILE A 53 6.95 -18.12 1.02
N TYR A 54 7.83 -17.14 1.17
CA TYR A 54 9.15 -17.08 0.52
C TYR A 54 10.10 -16.20 1.35
N ASN A 55 11.37 -16.56 1.41
CA ASN A 55 12.39 -15.65 1.97
C ASN A 55 13.68 -15.83 1.17
N SER A 56 14.51 -14.79 1.19
CA SER A 56 15.73 -14.70 0.34
C SER A 56 16.86 -15.51 0.94
N VAL A 57 16.72 -16.03 2.16
CA VAL A 57 17.74 -16.94 2.76
C VAL A 57 17.60 -18.34 2.17
N ASP A 58 16.40 -18.91 2.22
CA ASP A 58 16.14 -20.29 1.72
C ASP A 58 15.86 -20.25 0.21
N LYS A 59 15.34 -19.15 -0.33
CA LYS A 59 14.98 -19.06 -1.77
C LYS A 59 14.06 -20.24 -2.13
N ARG A 60 13.01 -20.41 -1.35
CA ARG A 60 12.12 -21.56 -1.56
C ARG A 60 10.69 -21.02 -1.55
N LEU A 61 9.95 -21.15 -2.64
CA LEU A 61 8.55 -20.67 -2.70
C LEU A 61 7.66 -21.83 -2.27
N SER A 62 6.90 -21.65 -1.20
CA SER A 62 6.08 -22.73 -0.66
C SER A 62 4.63 -22.29 -0.53
N ALA A 63 3.73 -23.25 -0.60
CA ALA A 63 2.30 -22.97 -0.39
C ALA A 63 1.68 -24.11 0.37
N VAL A 64 0.66 -23.78 1.13
CA VAL A 64 -0.17 -24.76 1.85
C VAL A 64 -1.62 -24.39 1.60
N VAL A 65 -2.42 -25.34 1.13
CA VAL A 65 -3.87 -25.09 0.94
C VAL A 65 -4.66 -26.08 1.81
N SER A 66 -5.62 -25.58 2.57
CA SER A 66 -6.32 -26.40 3.60
C SER A 66 -7.82 -26.08 3.64
N TYR A 67 -8.59 -27.06 4.14
CA TYR A 67 -9.99 -26.93 4.52
C TYR A 67 -10.09 -27.36 5.98
N PRO A 68 -11.05 -26.83 6.75
CA PRO A 68 -11.27 -27.31 8.12
C PRO A 68 -11.36 -28.84 8.14
N ASN A 69 -10.66 -29.48 9.07
CA ASN A 69 -10.79 -30.93 9.38
C ASN A 69 -10.42 -31.80 8.19
N ALA A 70 -9.55 -31.34 7.31
CA ALA A 70 -9.00 -32.17 6.23
C ALA A 70 -7.48 -31.99 6.22
N ASP A 71 -6.79 -32.95 5.64
CA ASP A 71 -5.31 -32.90 5.47
C ASP A 71 -5.00 -31.77 4.48
N SER A 72 -3.91 -31.04 4.71
CA SER A 72 -3.44 -29.96 3.80
C SER A 72 -2.81 -30.56 2.56
N ALA A 73 -2.76 -29.76 1.50
CA ALA A 73 -1.91 -30.02 0.33
C ALA A 73 -0.81 -28.98 0.38
N THR A 74 0.44 -29.36 0.09
CA THR A 74 1.57 -28.42 0.18
C THR A 74 2.48 -28.65 -1.00
N VAL A 75 3.10 -27.59 -1.51
CA VAL A 75 4.03 -27.66 -2.64
C VAL A 75 5.12 -26.63 -2.43
N SER A 76 6.36 -26.96 -2.77
CA SER A 76 7.54 -26.10 -2.60
C SER A 76 8.43 -26.24 -3.81
N TYR A 77 9.14 -25.18 -4.14
CA TYR A 77 10.06 -25.14 -5.29
C TYR A 77 11.16 -24.17 -5.01
N ASP A 78 12.40 -24.66 -5.18
CA ASP A 78 13.61 -23.82 -5.00
C ASP A 78 13.72 -22.94 -6.22
N VAL A 79 13.73 -21.64 -6.02
CA VAL A 79 13.82 -20.60 -7.09
C VAL A 79 14.37 -19.33 -6.46
N ASP A 80 15.34 -18.71 -7.12
CA ASP A 80 15.88 -17.40 -6.72
C ASP A 80 15.07 -16.35 -7.47
N LEU A 81 14.11 -15.70 -6.80
CA LEU A 81 13.19 -14.75 -7.46
C LEU A 81 13.94 -13.49 -7.87
N ASP A 82 15.13 -13.24 -7.31
CA ASP A 82 16.01 -12.13 -7.74
C ASP A 82 16.35 -12.27 -9.23
N ASN A 83 16.42 -13.50 -9.75
CA ASN A 83 16.81 -13.79 -11.16
C ASN A 83 15.57 -13.96 -12.04
N VAL A 84 14.36 -13.81 -11.51
CA VAL A 84 13.09 -14.06 -12.26
C VAL A 84 12.25 -12.79 -12.31
N LEU A 85 12.02 -12.18 -11.16
CA LEU A 85 11.14 -10.97 -11.09
C LEU A 85 11.96 -9.70 -11.19
N PRO A 86 11.33 -8.62 -11.66
CA PRO A 86 11.91 -7.28 -11.54
C PRO A 86 11.89 -6.89 -10.06
N GLU A 87 12.67 -5.89 -9.72
CA GLU A 87 12.89 -5.43 -8.34
C GLU A 87 11.57 -4.94 -7.75
N TRP A 88 10.76 -4.26 -8.57
CA TRP A 88 9.41 -3.78 -8.16
C TRP A 88 8.36 -4.57 -8.94
N VAL A 89 7.28 -4.94 -8.23
CA VAL A 89 6.24 -5.87 -8.74
C VAL A 89 4.89 -5.37 -8.29
N ARG A 90 3.84 -5.93 -8.86
CA ARG A 90 2.52 -5.92 -8.20
C ARG A 90 2.19 -7.34 -7.78
N VAL A 91 1.37 -7.45 -6.76
CA VAL A 91 0.83 -8.75 -6.30
C VAL A 91 -0.68 -8.78 -6.52
N GLY A 92 -1.18 -9.99 -6.79
CA GLY A 92 -2.59 -10.12 -7.19
C GLY A 92 -3.15 -11.51 -7.04
N LEU A 93 -4.46 -11.57 -7.24
CA LEU A 93 -5.22 -12.85 -7.36
C LEU A 93 -5.83 -12.90 -8.74
N SER A 94 -5.84 -14.10 -9.30
CA SER A 94 -6.40 -14.29 -10.66
C SER A 94 -7.30 -15.52 -10.62
N ALA A 95 -8.29 -15.58 -11.52
CA ALA A 95 -9.07 -16.81 -11.67
C ALA A 95 -9.67 -16.85 -13.06
N SER A 96 -10.06 -18.05 -13.48
CA SER A 96 -10.71 -18.17 -14.79
C SER A 96 -11.74 -19.30 -14.75
N THR A 97 -12.63 -19.27 -15.75
CA THR A 97 -13.47 -20.41 -16.16
C THR A 97 -13.32 -20.62 -17.66
N GLY A 98 -13.82 -21.75 -18.16
CA GLY A 98 -13.71 -22.07 -19.58
C GLY A 98 -15.00 -22.72 -20.03
N LEU A 99 -14.91 -23.91 -20.61
CA LEU A 99 -16.16 -24.65 -20.96
C LEU A 99 -16.78 -25.21 -19.68
N TYR A 100 -15.98 -25.43 -18.62
CA TYR A 100 -16.48 -25.76 -17.27
C TYR A 100 -16.27 -24.53 -16.38
N LYS A 101 -17.00 -24.43 -15.27
CA LYS A 101 -17.07 -23.16 -14.52
C LYS A 101 -17.17 -23.44 -13.03
N GLU A 102 -17.01 -22.38 -12.26
CA GLU A 102 -17.04 -22.41 -10.80
C GLU A 102 -17.10 -20.96 -10.34
N THR A 103 -17.61 -20.73 -9.17
CA THR A 103 -17.41 -19.44 -8.44
C THR A 103 -15.92 -19.32 -8.07
N ASN A 104 -15.33 -18.14 -8.22
CA ASN A 104 -13.94 -17.90 -7.78
C ASN A 104 -13.99 -16.78 -6.75
N THR A 105 -14.55 -17.09 -5.59
CA THR A 105 -14.92 -16.07 -4.60
C THR A 105 -13.78 -15.94 -3.60
N ILE A 106 -13.30 -14.73 -3.39
CA ILE A 106 -12.25 -14.45 -2.38
C ILE A 106 -12.92 -13.76 -1.20
N LEU A 107 -12.80 -14.37 -0.02
CA LEU A 107 -13.44 -13.87 1.20
C LEU A 107 -12.48 -13.01 2.03
N SER A 108 -11.17 -13.21 1.89
CA SER A 108 -10.15 -12.42 2.62
C SER A 108 -8.82 -12.58 1.90
N TRP A 109 -7.99 -11.56 1.99
CA TRP A 109 -6.64 -11.60 1.38
C TRP A 109 -5.72 -10.74 2.24
N SER A 110 -4.60 -11.29 2.66
CA SER A 110 -3.55 -10.50 3.34
C SER A 110 -2.18 -10.77 2.70
N PHE A 111 -1.29 -9.78 2.81
CA PHE A 111 0.06 -9.84 2.21
C PHE A 111 0.98 -9.06 3.14
N THR A 112 2.20 -9.55 3.30
CA THR A 112 3.28 -8.82 4.02
C THR A 112 4.59 -9.02 3.26
N SER A 113 5.33 -7.96 3.03
CA SER A 113 6.66 -8.03 2.41
C SER A 113 7.60 -7.17 3.27
N LYS A 114 8.80 -7.67 3.54
CA LYS A 114 9.82 -6.96 4.33
C LYS A 114 11.18 -7.08 3.64
N LEU A 115 11.91 -5.97 3.63
CA LEU A 115 13.34 -5.92 3.24
C LEU A 115 14.14 -5.44 4.44
N LYS A 116 14.99 -6.30 5.00
CA LYS A 116 15.73 -6.05 6.28
C LYS A 116 17.19 -5.68 5.97
N SER A 117 17.85 -5.00 6.92
CA SER A 117 19.35 -4.90 7.04
C SER A 117 19.78 -4.77 8.51
N THR A 123 14.77 -1.65 8.41
CA THR A 123 13.82 -2.54 7.67
C THR A 123 12.73 -1.73 6.98
N ASN A 124 12.37 -2.13 5.75
CA ASN A 124 11.22 -1.59 5.02
C ASN A 124 10.09 -2.64 5.05
N ALA A 125 8.86 -2.22 5.28
CA ALA A 125 7.74 -3.18 5.36
C ALA A 125 6.54 -2.66 4.58
N LEU A 126 5.77 -3.58 4.01
CA LEU A 126 4.39 -3.32 3.55
C LEU A 126 3.48 -4.43 4.07
N HIS A 127 2.31 -4.08 4.56
CA HIS A 127 1.29 -5.05 4.96
C HIS A 127 -0.08 -4.53 4.54
N PHE A 128 -0.90 -5.39 3.96
CA PHE A 128 -2.34 -5.09 3.80
C PHE A 128 -3.14 -6.29 4.28
N MET A 129 -4.34 -6.02 4.73
CA MET A 129 -5.29 -7.09 5.11
C MET A 129 -6.69 -6.68 4.66
N PHE A 130 -7.32 -7.46 3.80
CA PHE A 130 -8.75 -7.28 3.46
C PHE A 130 -9.52 -8.45 4.07
N ASN A 131 -10.38 -8.16 5.04
CA ASN A 131 -11.41 -9.13 5.49
C ASN A 131 -12.76 -8.79 4.86
N GLN A 132 -12.92 -7.58 4.34
CA GLN A 132 -14.13 -7.02 3.71
C GLN A 132 -13.70 -6.35 2.41
N PHE A 133 -14.36 -6.68 1.32
CA PHE A 133 -14.19 -5.96 0.04
C PHE A 133 -15.41 -5.04 -0.12
N SER A 134 -15.23 -3.85 -0.67
CA SER A 134 -16.32 -2.83 -0.83
C SER A 134 -16.52 -2.57 -2.32
N LYS A 135 -17.68 -2.01 -2.69
CA LYS A 135 -18.05 -1.69 -4.09
C LYS A 135 -16.96 -0.89 -4.81
N ASP A 136 -16.38 0.13 -4.18
CA ASP A 136 -15.45 1.00 -4.97
C ASP A 136 -14.14 1.04 -4.20
N GLN A 137 -13.43 -0.07 -4.27
CA GLN A 137 -12.28 -0.32 -3.39
C GLN A 137 -11.01 0.21 -4.09
N LYS A 138 -10.65 1.44 -3.78
CA LYS A 138 -9.66 2.22 -4.55
C LYS A 138 -8.22 1.72 -4.35
N ASP A 139 -7.97 0.84 -3.40
CA ASP A 139 -6.61 0.25 -3.26
C ASP A 139 -6.54 -1.10 -3.99
N LEU A 140 -7.54 -1.44 -4.81
CA LEU A 140 -7.43 -2.62 -5.69
C LEU A 140 -7.56 -2.16 -7.12
N ILE A 141 -6.75 -2.76 -7.98
CA ILE A 141 -6.93 -2.67 -9.44
C ILE A 141 -7.68 -3.92 -9.88
N LEU A 142 -8.95 -3.76 -10.31
CA LEU A 142 -9.73 -4.89 -10.85
C LEU A 142 -9.52 -4.95 -12.35
N GLN A 143 -9.26 -6.15 -12.86
CA GLN A 143 -9.07 -6.42 -14.29
C GLN A 143 -10.10 -7.45 -14.73
N GLY A 144 -10.56 -7.34 -15.96
CA GLY A 144 -11.47 -8.33 -16.58
C GLY A 144 -12.81 -8.34 -15.88
N ASP A 145 -13.28 -9.53 -15.52
CA ASP A 145 -14.61 -9.76 -14.94
C ASP A 145 -14.63 -9.58 -13.42
N ALA A 146 -13.50 -9.28 -12.77
CA ALA A 146 -13.46 -9.15 -11.30
C ALA A 146 -14.37 -8.02 -10.79
N THR A 147 -15.11 -8.28 -9.73
CA THR A 147 -15.96 -7.30 -9.02
C THR A 147 -15.81 -7.44 -7.52
N THR A 148 -16.04 -6.35 -6.80
CA THR A 148 -16.04 -6.27 -5.31
C THR A 148 -17.37 -5.75 -4.80
N GLY A 149 -17.78 -6.18 -3.61
CA GLY A 149 -18.91 -5.57 -2.88
C GLY A 149 -20.10 -6.51 -2.71
N THR A 150 -20.17 -7.59 -3.52
CA THR A 150 -21.26 -8.59 -3.44
C THR A 150 -20.99 -9.46 -2.22
N ASP A 151 -21.80 -9.27 -1.16
CA ASP A 151 -21.66 -9.94 0.15
C ASP A 151 -20.30 -9.56 0.81
N GLY A 152 -19.67 -8.42 0.46
CA GLY A 152 -18.35 -8.02 1.00
C GLY A 152 -17.23 -8.89 0.43
N ASN A 153 -17.50 -9.59 -0.65
CA ASN A 153 -16.50 -10.54 -1.22
C ASN A 153 -15.94 -9.99 -2.52
N LEU A 154 -14.81 -10.55 -2.93
CA LEU A 154 -14.20 -10.29 -4.26
C LEU A 154 -14.57 -11.48 -5.17
N GLU A 155 -15.34 -11.25 -6.23
CA GLU A 155 -15.72 -12.31 -7.18
C GLU A 155 -14.77 -12.18 -8.37
N LEU A 156 -13.81 -13.05 -8.47
CA LEU A 156 -12.78 -12.89 -9.51
C LEU A 156 -13.37 -13.11 -10.90
N THR A 157 -14.34 -14.01 -11.01
CA THR A 157 -14.98 -14.36 -12.30
C THR A 157 -16.49 -14.13 -12.22
N ARG A 158 -17.11 -14.04 -13.40
CA ARG A 158 -18.49 -13.53 -13.55
C ARG A 158 -19.47 -14.50 -12.90
N VAL A 159 -20.34 -13.97 -12.05
CA VAL A 159 -21.46 -14.73 -11.43
C VAL A 159 -22.75 -14.00 -11.84
N SER A 160 -23.73 -14.75 -12.34
CA SER A 160 -25.03 -14.21 -12.84
C SER A 160 -25.85 -13.71 -11.64
N SER A 161 -26.93 -12.98 -11.92
CA SER A 161 -27.88 -12.42 -10.91
C SER A 161 -28.52 -13.53 -10.06
N ASN A 162 -28.69 -14.75 -10.58
CA ASN A 162 -29.26 -15.91 -9.81
C ASN A 162 -28.15 -16.69 -9.09
N GLY A 163 -26.91 -16.18 -9.10
CA GLY A 163 -25.78 -16.71 -8.32
C GLY A 163 -25.01 -17.84 -9.00
N SER A 164 -25.23 -18.09 -10.30
CA SER A 164 -24.59 -19.16 -11.09
C SER A 164 -23.30 -18.61 -11.66
N PRO A 165 -22.18 -19.33 -11.55
CA PRO A 165 -20.95 -18.91 -12.25
C PRO A 165 -21.10 -19.04 -13.77
N GLN A 166 -20.41 -18.19 -14.52
CA GLN A 166 -20.42 -18.17 -15.99
C GLN A 166 -19.14 -18.80 -16.51
N GLY A 167 -19.25 -19.41 -17.68
CA GLY A 167 -18.11 -19.96 -18.43
C GLY A 167 -17.31 -18.88 -19.11
N SER A 168 -16.12 -19.24 -19.56
CA SER A 168 -15.24 -18.39 -20.39
C SER A 168 -15.09 -17.01 -19.75
N SER A 169 -14.82 -16.98 -18.43
CA SER A 169 -14.65 -15.73 -17.66
C SER A 169 -13.22 -15.67 -17.12
N VAL A 170 -12.67 -14.48 -16.99
CA VAL A 170 -11.30 -14.26 -16.41
C VAL A 170 -11.34 -12.95 -15.67
N GLY A 171 -10.71 -12.90 -14.52
CA GLY A 171 -10.62 -11.62 -13.80
C GLY A 171 -9.54 -11.68 -12.75
N ARG A 172 -9.06 -10.49 -12.35
CA ARG A 172 -7.89 -10.43 -11.44
C ARG A 172 -8.08 -9.20 -10.57
N ALA A 173 -7.42 -9.19 -9.42
CA ALA A 173 -7.36 -8.05 -8.50
C ALA A 173 -5.90 -7.88 -8.10
N LEU A 174 -5.35 -6.69 -8.29
CA LEU A 174 -3.96 -6.38 -7.89
C LEU A 174 -4.01 -5.30 -6.82
N PHE A 175 -3.13 -5.44 -5.82
CA PHE A 175 -2.97 -4.34 -4.87
C PHE A 175 -2.39 -3.11 -5.59
N TYR A 176 -2.90 -1.94 -5.24
CA TYR A 176 -2.60 -0.69 -5.96
C TYR A 176 -1.11 -0.34 -5.88
N ALA A 177 -0.45 -0.44 -4.73
CA ALA A 177 0.95 0.04 -4.60
C ALA A 177 1.88 -1.02 -5.16
N PRO A 178 2.88 -0.62 -5.96
CA PRO A 178 4.01 -1.49 -6.27
C PRO A 178 4.67 -1.96 -4.98
N VAL A 179 5.24 -3.16 -5.04
CA VAL A 179 5.92 -3.85 -3.93
C VAL A 179 7.41 -4.02 -4.28
N HIS A 180 8.25 -3.69 -3.35
CA HIS A 180 9.71 -3.83 -3.52
C HIS A 180 10.05 -5.27 -3.12
N ILE A 181 10.15 -6.18 -4.06
CA ILE A 181 10.14 -7.63 -3.73
C ILE A 181 11.58 -8.09 -3.46
N TRP A 182 12.61 -7.42 -4.01
CA TRP A 182 14.03 -7.74 -3.74
C TRP A 182 14.87 -6.48 -3.87
N GLU A 183 16.02 -6.45 -3.20
CA GLU A 183 16.96 -5.32 -3.28
C GLU A 183 18.37 -5.87 -3.05
N SER A 184 19.31 -5.48 -3.91
CA SER A 184 20.69 -6.05 -3.96
C SER A 184 21.40 -5.89 -2.59
N SER A 185 21.09 -4.85 -1.82
CA SER A 185 21.76 -4.54 -0.52
C SER A 185 20.98 -5.09 0.67
N ALA A 186 19.80 -5.70 0.46
CA ALA A 186 19.00 -6.28 1.57
C ALA A 186 19.73 -7.52 2.12
N VAL A 187 19.76 -7.67 3.44
CA VAL A 187 20.36 -8.85 4.10
C VAL A 187 19.30 -9.95 4.10
N VAL A 188 18.03 -9.61 4.26
CA VAL A 188 16.93 -10.61 4.28
C VAL A 188 15.71 -9.91 3.68
N ALA A 189 15.07 -10.58 2.74
CA ALA A 189 13.80 -10.14 2.13
C ALA A 189 12.82 -11.30 2.32
N SER A 190 11.55 -11.01 2.66
CA SER A 190 10.56 -12.11 2.84
C SER A 190 9.22 -11.60 2.35
N PHE A 191 8.34 -12.52 1.96
CA PHE A 191 6.92 -12.16 1.79
C PHE A 191 6.08 -13.35 2.22
N GLU A 192 4.83 -13.06 2.52
CA GLU A 192 3.82 -14.06 2.81
C GLU A 192 2.51 -13.50 2.28
N ALA A 193 1.68 -14.38 1.77
CA ALA A 193 0.28 -14.08 1.39
C ALA A 193 -0.63 -15.14 1.98
N THR A 194 -1.82 -14.72 2.39
CA THR A 194 -2.88 -15.65 2.82
C THR A 194 -4.15 -15.22 2.10
N PHE A 195 -4.96 -16.16 1.62
CA PHE A 195 -6.32 -15.77 1.19
C PHE A 195 -7.28 -16.91 1.51
N THR A 196 -8.54 -16.56 1.68
CA THR A 196 -9.62 -17.57 1.83
C THR A 196 -10.53 -17.47 0.64
N PHE A 197 -11.07 -18.59 0.22
CA PHE A 197 -11.73 -18.72 -1.11
C PHE A 197 -12.88 -19.71 -0.97
N LEU A 198 -13.86 -19.53 -1.82
CA LEU A 198 -15.07 -20.39 -1.89
C LEU A 198 -15.25 -20.71 -3.38
N ILE A 199 -14.94 -21.94 -3.76
CA ILE A 199 -15.10 -22.45 -5.14
C ILE A 199 -16.32 -23.38 -5.08
N LYS A 200 -17.37 -23.03 -5.83
CA LYS A 200 -18.66 -23.77 -5.88
C LYS A 200 -19.00 -24.00 -7.34
N SER A 201 -19.43 -25.20 -7.72
CA SER A 201 -19.86 -25.53 -9.11
C SER A 201 -21.16 -26.31 -9.08
N PRO A 202 -22.15 -25.97 -9.93
CA PRO A 202 -23.34 -26.81 -10.08
C PRO A 202 -23.07 -28.06 -10.94
N ASP A 203 -22.12 -27.96 -11.88
CA ASP A 203 -21.68 -29.06 -12.79
C ASP A 203 -20.95 -30.13 -11.99
N SER A 204 -20.89 -31.36 -12.53
CA SER A 204 -20.03 -32.45 -12.04
C SER A 204 -18.58 -31.94 -11.87
N HIS A 205 -18.11 -31.09 -12.80
CA HIS A 205 -16.67 -30.73 -12.93
C HIS A 205 -16.52 -29.21 -12.82
N PRO A 206 -15.92 -28.73 -11.71
CA PRO A 206 -15.51 -27.32 -11.64
C PRO A 206 -14.29 -27.03 -12.51
N ALA A 207 -14.16 -25.77 -12.94
CA ALA A 207 -12.94 -25.27 -13.64
C ALA A 207 -12.96 -23.74 -13.49
N ASP A 208 -11.80 -23.08 -13.57
CA ASP A 208 -10.49 -23.63 -13.89
C ASP A 208 -9.51 -23.48 -12.72
N GLY A 209 -9.75 -22.51 -11.84
CA GLY A 209 -8.92 -22.37 -10.63
C GLY A 209 -8.71 -20.90 -10.26
N ILE A 210 -7.91 -20.72 -9.20
CA ILE A 210 -7.52 -19.41 -8.61
C ILE A 210 -6.00 -19.43 -8.51
N ALA A 211 -5.35 -18.27 -8.68
CA ALA A 211 -3.89 -18.19 -8.45
C ALA A 211 -3.59 -16.94 -7.64
N PHE A 212 -2.57 -17.03 -6.77
CA PHE A 212 -1.87 -15.84 -6.27
C PHE A 212 -0.71 -15.62 -7.21
N PHE A 213 -0.45 -14.39 -7.60
CA PHE A 213 0.63 -14.10 -8.56
C PHE A 213 1.35 -12.80 -8.22
N ILE A 214 2.61 -12.78 -8.69
CA ILE A 214 3.50 -11.62 -8.64
C ILE A 214 3.94 -11.33 -10.06
N SER A 215 3.86 -10.07 -10.45
CA SER A 215 4.07 -9.68 -11.86
C SER A 215 4.84 -8.37 -11.96
N ASN A 216 5.34 -8.07 -13.17
CA ASN A 216 5.70 -6.68 -13.51
C ASN A 216 4.54 -5.76 -13.12
N ILE A 217 4.85 -4.50 -12.76
CA ILE A 217 3.83 -3.58 -12.18
C ILE A 217 2.71 -3.31 -13.19
N ASP A 218 3.03 -3.34 -14.48
CA ASP A 218 2.07 -2.93 -15.55
C ASP A 218 1.39 -4.17 -16.11
N SER A 219 1.40 -5.31 -15.41
CA SER A 219 0.77 -6.55 -15.87
C SER A 219 -0.73 -6.36 -16.16
N SER A 220 -1.22 -6.96 -17.26
CA SER A 220 -2.65 -7.01 -17.57
C SER A 220 -3.03 -8.43 -17.97
N ILE A 221 -4.33 -8.72 -17.96
CA ILE A 221 -4.83 -10.06 -18.35
C ILE A 221 -4.42 -10.30 -19.78
N PRO A 222 -3.67 -11.39 -20.10
CA PRO A 222 -3.37 -11.72 -21.50
C PRO A 222 -4.69 -12.02 -22.24
N SER A 223 -4.85 -11.42 -23.39
CA SER A 223 -6.05 -11.63 -24.24
C SER A 223 -6.22 -13.13 -24.47
N GLY A 224 -7.41 -13.65 -24.20
CA GLY A 224 -7.75 -15.06 -24.44
C GLY A 224 -7.30 -16.00 -23.35
N SER A 225 -6.87 -15.49 -22.18
CA SER A 225 -6.34 -16.33 -21.09
C SER A 225 -7.46 -16.84 -20.17
N THR A 226 -8.64 -17.13 -20.72
CA THR A 226 -9.73 -17.86 -20.04
C THR A 226 -9.29 -19.32 -19.93
N GLY A 227 -10.10 -20.12 -19.23
CA GLY A 227 -9.89 -21.56 -19.12
C GLY A 227 -8.54 -21.90 -18.50
N ARG A 228 -7.79 -22.79 -19.15
CA ARG A 228 -6.60 -23.44 -18.53
C ARG A 228 -5.48 -22.42 -18.28
N LEU A 229 -5.52 -21.22 -18.89
CA LEU A 229 -4.44 -20.22 -18.79
C LEU A 229 -4.59 -19.37 -17.50
N LEU A 230 -5.70 -19.50 -16.78
CA LEU A 230 -5.95 -18.95 -15.42
C LEU A 230 -5.75 -17.44 -15.35
N GLY A 231 -5.96 -16.73 -16.44
CA GLY A 231 -5.74 -15.27 -16.52
C GLY A 231 -4.30 -14.81 -16.37
N LEU A 232 -3.31 -15.70 -16.51
CA LEU A 232 -1.88 -15.37 -16.21
C LEU A 232 -1.01 -15.39 -17.44
N PHE A 233 -1.25 -16.31 -18.41
CA PHE A 233 -0.30 -16.56 -19.52
C PHE A 233 -1.03 -16.44 -20.85
N PRO A 234 -0.34 -15.94 -21.89
CA PRO A 234 -0.94 -15.77 -23.22
C PRO A 234 -1.03 -17.07 -24.01
N ASP A 235 -0.35 -18.11 -23.54
CA ASP A 235 -0.24 -19.41 -24.24
C ASP A 235 0.16 -20.47 -23.21
N ALA A 236 0.18 -21.72 -23.64
CA ALA A 236 0.35 -22.88 -22.74
C ALA A 236 1.78 -23.41 -22.83
N ASN A 237 2.74 -22.61 -23.31
CA ASN A 237 4.14 -23.04 -23.45
C ASN A 237 4.75 -23.31 -22.06
N ALA B 1 -10.62 23.07 -5.04
CA ALA B 1 -9.30 22.82 -4.53
C ALA B 1 -9.29 21.50 -3.75
N ASP B 2 -8.11 21.09 -3.34
CA ASP B 2 -7.92 19.86 -2.53
C ASP B 2 -8.62 20.03 -1.18
N THR B 3 -8.84 18.92 -0.49
CA THR B 3 -9.24 18.88 0.92
C THR B 3 -8.02 18.36 1.68
N ILE B 4 -7.51 19.16 2.61
CA ILE B 4 -6.28 18.88 3.38
C ILE B 4 -6.58 18.85 4.90
N VAL B 5 -6.10 17.78 5.54
CA VAL B 5 -5.94 17.71 7.01
C VAL B 5 -4.47 17.49 7.26
N ALA B 6 -3.84 18.28 8.12
CA ALA B 6 -2.40 18.24 8.30
C ALA B 6 -1.98 18.52 9.73
N VAL B 7 -0.85 17.95 10.09
CA VAL B 7 -0.07 18.34 11.28
C VAL B 7 1.15 19.08 10.78
N GLU B 8 1.25 20.37 11.10
CA GLU B 8 2.41 21.17 10.64
C GLU B 8 3.45 21.26 11.76
N LEU B 9 4.70 21.13 11.35
CA LEU B 9 5.90 21.48 12.14
C LEU B 9 6.37 22.81 11.53
N ASP B 10 5.94 23.93 12.11
CA ASP B 10 6.04 25.28 11.43
C ASP B 10 7.20 26.00 12.08
N THR B 11 8.30 26.17 11.35
CA THR B 11 9.60 26.66 11.86
C THR B 11 9.61 28.19 11.77
N TYR B 12 8.68 28.79 11.02
CA TYR B 12 8.75 30.24 10.72
C TYR B 12 7.44 30.97 11.00
N PRO B 13 7.46 31.91 11.98
CA PRO B 13 6.25 32.67 12.28
C PRO B 13 5.85 33.64 11.17
N ASN B 14 4.66 33.42 10.63
CA ASN B 14 3.96 34.28 9.65
C ASN B 14 2.82 34.95 10.41
N THR B 15 3.07 36.07 11.10
CA THR B 15 2.06 36.69 11.98
C THR B 15 0.80 37.07 11.19
N ASP B 16 0.95 37.39 9.92
CA ASP B 16 -0.20 37.86 9.11
C ASP B 16 -1.16 36.71 8.78
N ILE B 17 -0.78 35.44 8.98
CA ILE B 17 -1.74 34.30 8.79
C ILE B 17 -2.05 33.64 10.12
N GLY B 18 -1.73 34.29 11.25
CA GLY B 18 -2.17 33.82 12.56
C GLY B 18 -1.21 32.87 13.20
N ASP B 19 0.00 32.69 12.66
CA ASP B 19 1.03 31.94 13.39
C ASP B 19 1.31 32.65 14.72
N PRO B 20 1.59 31.90 15.81
CA PRO B 20 2.19 32.48 16.99
C PRO B 20 3.61 32.96 16.69
N SER B 21 4.17 33.77 17.57
CA SER B 21 5.45 34.48 17.36
C SER B 21 6.63 33.56 17.68
N TYR B 22 6.48 32.24 17.48
CA TYR B 22 7.54 31.25 17.77
C TYR B 22 7.30 30.02 16.90
N PRO B 23 8.33 29.22 16.65
CA PRO B 23 8.14 27.92 15.98
C PRO B 23 7.10 27.12 16.77
N HIS B 24 6.24 26.40 16.08
CA HIS B 24 5.03 25.80 16.68
C HIS B 24 4.68 24.54 15.89
N ILE B 25 3.93 23.65 16.52
CA ILE B 25 3.23 22.58 15.81
C ILE B 25 1.77 22.99 15.79
N GLY B 26 1.06 22.54 14.78
CA GLY B 26 -0.33 22.90 14.58
C GLY B 26 -1.14 21.81 13.92
N ILE B 27 -2.43 21.87 14.17
CA ILE B 27 -3.44 21.06 13.46
C ILE B 27 -4.16 21.96 12.49
N ASP B 28 -4.05 21.61 11.21
CA ASP B 28 -4.62 22.36 10.06
C ASP B 28 -5.76 21.55 9.50
N ILE B 29 -6.98 22.09 9.59
CA ILE B 29 -8.19 21.50 8.99
C ILE B 29 -8.68 22.41 7.87
N LYS B 30 -8.28 22.08 6.65
CA LYS B 30 -8.71 22.75 5.40
C LYS B 30 -8.27 24.23 5.41
N SER B 31 -7.29 24.59 6.24
CA SER B 31 -6.72 25.97 6.28
C SER B 31 -5.30 25.95 6.82
N VAL B 32 -4.43 26.83 6.30
CA VAL B 32 -3.08 27.07 6.88
C VAL B 32 -3.19 27.76 8.25
N ARG B 33 -4.33 28.35 8.57
CA ARG B 33 -4.58 29.01 9.88
C ARG B 33 -4.99 27.88 10.85
N SER B 34 -4.00 27.36 11.55
CA SER B 34 -4.14 26.14 12.40
C SER B 34 -5.33 26.36 13.32
N LYS B 35 -6.10 25.30 13.54
CA LYS B 35 -7.23 25.29 14.50
C LYS B 35 -6.67 25.23 15.91
N LYS B 36 -5.46 24.72 16.09
CA LYS B 36 -4.77 24.68 17.39
C LYS B 36 -3.27 24.62 17.15
N THR B 37 -2.48 25.25 18.02
CA THR B 37 -1.01 25.24 17.98
C THR B 37 -0.45 25.02 19.38
N ALA B 38 0.81 24.68 19.43
CA ALA B 38 1.61 24.56 20.64
C ALA B 38 3.01 25.03 20.30
N LYS B 39 3.65 25.68 21.26
CA LYS B 39 5.04 26.09 21.13
C LYS B 39 5.92 24.87 20.90
N TRP B 40 6.88 25.04 20.02
CA TRP B 40 7.80 23.97 19.61
C TRP B 40 9.25 24.45 19.65
N ASN B 41 10.06 23.84 20.50
CA ASN B 41 11.51 24.14 20.62
C ASN B 41 12.26 23.34 19.56
N MET B 42 12.19 23.79 18.30
CA MET B 42 12.89 23.12 17.16
C MET B 42 14.41 23.24 17.39
N GLN B 43 15.14 22.13 17.25
CA GLN B 43 16.60 22.10 17.47
C GLN B 43 17.26 21.99 16.11
N ASN B 44 17.86 23.09 15.66
CA ASN B 44 18.57 23.19 14.36
C ASN B 44 19.66 22.12 14.32
N GLY B 45 19.63 21.26 13.30
CA GLY B 45 20.64 20.23 13.05
C GLY B 45 20.46 18.95 13.85
N LYS B 46 19.38 18.84 14.62
CA LYS B 46 19.16 17.62 15.43
C LYS B 46 18.08 16.75 14.74
N VAL B 47 18.16 15.44 14.92
CA VAL B 47 17.08 14.56 14.37
C VAL B 47 15.91 14.56 15.34
N GLY B 48 14.73 14.91 14.87
CA GLY B 48 13.49 14.85 15.66
C GLY B 48 12.53 13.72 15.21
N THR B 49 11.50 13.45 16.01
CA THR B 49 10.47 12.43 15.73
C THR B 49 9.09 13.07 15.93
N ALA B 50 8.18 12.87 15.00
CA ALA B 50 6.78 13.29 15.05
C ALA B 50 5.91 12.03 15.09
N HIS B 51 4.92 12.03 15.99
CA HIS B 51 3.92 10.95 16.13
C HIS B 51 2.53 11.57 15.98
N ILE B 52 1.68 11.02 15.14
CA ILE B 52 0.33 11.56 14.86
C ILE B 52 -0.64 10.41 15.08
N ILE B 53 -1.72 10.65 15.83
CA ILE B 53 -2.68 9.56 16.15
C ILE B 53 -4.10 10.10 16.07
N TYR B 54 -5.02 9.24 15.66
CA TYR B 54 -6.46 9.55 15.58
C TYR B 54 -7.26 8.26 15.68
N ASN B 55 -8.40 8.29 16.36
CA ASN B 55 -9.34 7.14 16.30
C ASN B 55 -10.75 7.69 16.29
N SER B 56 -11.67 6.93 15.72
CA SER B 56 -13.08 7.32 15.46
C SER B 56 -13.90 7.19 16.75
N VAL B 57 -13.31 6.67 17.84
CA VAL B 57 -14.04 6.65 19.15
C VAL B 57 -13.90 8.03 19.77
N ASP B 58 -12.68 8.50 19.96
CA ASP B 58 -12.39 9.81 20.60
C ASP B 58 -12.58 10.95 19.59
N LYS B 59 -12.38 10.70 18.30
CA LYS B 59 -12.45 11.77 17.26
C LYS B 59 -11.56 12.94 17.68
N ARG B 60 -10.32 12.64 18.01
CA ARG B 60 -9.37 13.63 18.50
C ARG B 60 -8.06 13.44 17.75
N LEU B 61 -7.61 14.45 17.00
CA LEU B 61 -6.36 14.34 16.22
C LEU B 61 -5.24 14.87 17.12
N SER B 62 -4.24 14.06 17.40
CA SER B 62 -3.17 14.46 18.32
C SER B 62 -1.81 14.27 17.67
N ALA B 63 -0.86 15.07 18.10
CA ALA B 63 0.54 14.87 17.68
C ALA B 63 1.47 15.17 18.82
N VAL B 64 2.63 14.56 18.75
CA VAL B 64 3.74 14.76 19.70
C VAL B 64 5.00 14.87 18.86
N VAL B 65 5.79 15.90 19.08
CA VAL B 65 7.10 16.05 18.39
C VAL B 65 8.20 16.15 19.44
N SER B 66 9.24 15.34 19.30
CA SER B 66 10.28 15.19 20.33
C SER B 66 11.67 15.18 19.73
N TYR B 67 12.65 15.59 20.53
CA TYR B 67 14.09 15.37 20.31
C TYR B 67 14.63 14.56 21.47
N PRO B 68 15.69 13.78 21.27
CA PRO B 68 16.34 13.07 22.38
C PRO B 68 16.61 14.05 23.55
N ASN B 69 16.25 13.66 24.77
CA ASN B 69 16.69 14.35 26.02
C ASN B 69 16.12 15.77 26.08
N ALA B 70 14.99 16.05 25.44
CA ALA B 70 14.29 17.34 25.58
C ALA B 70 12.82 17.06 25.83
N ASP B 71 12.10 18.02 26.40
CA ASP B 71 10.64 17.95 26.59
C ASP B 71 9.97 17.94 25.20
N SER B 72 8.94 17.12 25.04
CA SER B 72 8.08 17.07 23.84
C SER B 72 7.22 18.31 23.72
N ALA B 73 6.73 18.59 22.51
CA ALA B 73 5.61 19.51 22.27
C ALA B 73 4.45 18.63 21.80
N THR B 74 3.22 18.97 22.19
CA THR B 74 2.05 18.15 21.83
C THR B 74 0.89 19.07 21.53
N VAL B 75 0.04 18.68 20.60
CA VAL B 75 -1.16 19.47 20.24
C VAL B 75 -2.26 18.48 19.90
N SER B 76 -3.48 18.81 20.26
CA SER B 76 -4.69 17.98 20.01
C SER B 76 -5.81 18.89 19.58
N TYR B 77 -6.71 18.35 18.77
CA TYR B 77 -7.91 19.07 18.32
C TYR B 77 -9.00 18.06 18.10
N ASP B 78 -10.17 18.32 18.70
CA ASP B 78 -11.37 17.47 18.53
C ASP B 78 -11.94 17.81 17.17
N VAL B 79 -12.06 16.80 16.32
CA VAL B 79 -12.57 16.93 14.93
C VAL B 79 -13.07 15.55 14.47
N ASP B 80 -14.27 15.50 13.91
CA ASP B 80 -14.81 14.27 13.29
C ASP B 80 -14.36 14.25 11.83
N LEU B 81 -13.31 13.50 11.50
CA LEU B 81 -12.72 13.52 10.13
C LEU B 81 -13.69 12.87 9.14
N ASP B 82 -14.71 12.14 9.61
CA ASP B 82 -15.78 11.57 8.75
C ASP B 82 -16.53 12.70 8.03
N ASN B 83 -16.58 13.90 8.64
CA ASN B 83 -17.28 15.09 8.07
C ASN B 83 -16.29 16.04 7.38
N VAL B 84 -15.01 15.69 7.30
CA VAL B 84 -13.96 16.58 6.69
C VAL B 84 -13.33 15.92 5.47
N LEU B 85 -12.84 14.70 5.64
CA LEU B 85 -12.12 13.97 4.57
C LEU B 85 -13.10 13.13 3.76
N PRO B 86 -12.77 12.89 2.49
CA PRO B 86 -13.48 11.89 1.70
C PRO B 86 -13.14 10.51 2.28
N GLU B 87 -13.93 9.52 1.94
CA GLU B 87 -13.78 8.15 2.50
C GLU B 87 -12.42 7.56 2.12
N TRP B 88 -11.98 7.79 0.88
CA TRP B 88 -10.64 7.38 0.40
C TRP B 88 -9.74 8.60 0.25
N VAL B 89 -8.51 8.46 0.73
CA VAL B 89 -7.51 9.55 0.80
C VAL B 89 -6.17 9.04 0.31
N ARG B 90 -5.23 9.96 0.12
CA ARG B 90 -3.80 9.64 0.16
C ARG B 90 -3.19 10.28 1.40
N VAL B 91 -2.11 9.69 1.86
CA VAL B 91 -1.30 10.27 2.95
C VAL B 91 0.08 10.67 2.45
N GLY B 92 0.66 11.69 3.10
CA GLY B 92 1.90 12.27 2.59
C GLY B 92 2.63 13.13 3.57
N LEU B 93 3.85 13.48 3.18
CA LEU B 93 4.70 14.48 3.83
C LEU B 93 4.91 15.63 2.83
N SER B 94 4.88 16.82 3.36
CA SER B 94 5.10 18.04 2.54
C SER B 94 6.10 18.91 3.26
N ALA B 95 6.82 19.76 2.51
CA ALA B 95 7.69 20.77 3.16
C ALA B 95 7.96 21.90 2.18
N SER B 96 8.39 23.03 2.70
CA SER B 96 8.64 24.19 1.82
C SER B 96 9.72 25.06 2.43
N THR B 97 10.25 25.95 1.59
CA THR B 97 11.13 27.08 1.97
C THR B 97 10.63 28.30 1.19
N GLY B 98 11.10 29.49 1.53
CA GLY B 98 10.63 30.74 0.90
C GLY B 98 11.82 31.67 0.76
N LEU B 99 11.76 32.85 1.38
CA LEU B 99 12.95 33.75 1.47
C LEU B 99 14.00 33.13 2.39
N TYR B 100 13.52 32.43 3.42
CA TYR B 100 14.36 31.72 4.40
C TYR B 100 14.20 30.22 4.12
N LYS B 101 15.16 29.45 4.56
CA LYS B 101 15.31 28.06 4.12
C LYS B 101 15.80 27.17 5.25
N GLU B 102 15.74 25.87 4.99
CA GLU B 102 16.17 24.81 5.89
C GLU B 102 16.16 23.51 5.09
N THR B 103 16.96 22.55 5.49
CA THR B 103 16.82 21.12 5.06
C THR B 103 15.45 20.61 5.54
N ASN B 104 14.72 19.89 4.68
CA ASN B 104 13.46 19.23 5.12
C ASN B 104 13.64 17.72 4.91
N THR B 105 14.58 17.16 5.66
CA THR B 105 15.12 15.83 5.40
C THR B 105 14.28 14.82 6.19
N ILE B 106 13.73 13.81 5.53
CA ILE B 106 12.93 12.75 6.21
C ILE B 106 13.81 11.50 6.26
N LEU B 107 14.11 11.02 7.46
CA LEU B 107 14.98 9.86 7.65
C LEU B 107 14.17 8.55 7.75
N SER B 108 12.92 8.59 8.13
CA SER B 108 12.02 7.40 8.26
C SER B 108 10.60 7.86 8.26
N TRP B 109 9.66 7.03 7.81
CA TRP B 109 8.23 7.36 7.81
C TRP B 109 7.46 6.05 7.93
N SER B 110 6.54 5.97 8.89
CA SER B 110 5.63 4.79 8.99
C SER B 110 4.19 5.26 9.16
N PHE B 111 3.26 4.43 8.75
CA PHE B 111 1.82 4.74 8.78
C PHE B 111 1.07 3.43 8.97
N THR B 112 0.03 3.47 9.78
CA THR B 112 -0.91 2.32 9.94
C THR B 112 -2.33 2.87 9.97
N SER B 113 -3.24 2.26 9.22
CA SER B 113 -4.70 2.57 9.26
C SER B 113 -5.44 1.26 9.41
N LYS B 114 -6.44 1.22 10.28
CA LYS B 114 -7.30 0.02 10.48
C LYS B 114 -8.76 0.43 10.57
N LEU B 115 -9.62 -0.35 9.92
CA LEU B 115 -11.08 -0.24 10.03
C LEU B 115 -11.60 -1.55 10.60
N LYS B 116 -12.16 -1.53 11.81
CA LYS B 116 -12.50 -2.72 12.64
C LYS B 116 -14.00 -2.98 12.59
N SER B 117 -14.36 -4.26 12.82
CA SER B 117 -15.69 -4.91 12.78
C SER B 117 -16.68 -4.17 11.88
N THR B 123 -11.66 -6.97 10.27
CA THR B 123 -10.76 -5.76 10.21
C THR B 123 -10.10 -5.64 8.84
N ASN B 124 -10.03 -4.41 8.32
CA ASN B 124 -9.18 -4.05 7.16
C ASN B 124 -7.98 -3.26 7.67
N ALA B 125 -6.78 -3.55 7.16
CA ALA B 125 -5.56 -2.90 7.67
C ALA B 125 -4.62 -2.53 6.52
N LEU B 126 -3.92 -1.41 6.69
CA LEU B 126 -2.78 -1.01 5.82
C LEU B 126 -1.64 -0.58 6.73
N HIS B 127 -0.43 -1.03 6.42
CA HIS B 127 0.77 -0.54 7.13
C HIS B 127 1.93 -0.45 6.14
N PHE B 128 2.69 0.62 6.20
CA PHE B 128 4.00 0.73 5.52
C PHE B 128 4.99 1.32 6.52
N MET B 129 6.23 0.95 6.32
CA MET B 129 7.38 1.45 7.07
C MET B 129 8.53 1.70 6.08
N PHE B 130 8.98 2.94 5.99
CA PHE B 130 10.22 3.28 5.25
C PHE B 130 11.27 3.66 6.29
N ASN B 131 12.32 2.85 6.42
CA ASN B 131 13.53 3.24 7.16
C ASN B 131 14.64 3.62 6.17
N GLN B 132 14.51 3.21 4.91
CA GLN B 132 15.42 3.51 3.79
C GLN B 132 14.58 4.00 2.61
N PHE B 133 14.93 5.13 2.05
CA PHE B 133 14.33 5.63 0.81
C PHE B 133 15.34 5.32 -0.31
N SER B 134 14.87 4.84 -1.45
CA SER B 134 15.75 4.45 -2.59
C SER B 134 15.52 5.43 -3.74
N LYS B 135 16.48 5.50 -4.67
CA LYS B 135 16.47 6.46 -5.81
C LYS B 135 15.17 6.34 -6.60
N ASP B 136 14.65 5.14 -6.87
CA ASP B 136 13.49 5.04 -7.80
C ASP B 136 12.36 4.31 -7.05
N GLN B 137 11.79 4.97 -6.06
CA GLN B 137 10.95 4.30 -5.07
C GLN B 137 9.50 4.29 -5.54
N LYS B 138 9.09 3.17 -6.15
CA LYS B 138 7.85 3.09 -6.96
C LYS B 138 6.59 3.15 -6.09
N ASP B 139 6.68 2.92 -4.78
CA ASP B 139 5.48 3.06 -3.92
C ASP B 139 5.39 4.48 -3.32
N LEU B 140 6.15 5.44 -3.82
CA LEU B 140 6.00 6.86 -3.43
C LEU B 140 5.71 7.67 -4.68
N ILE B 141 4.78 8.59 -4.55
CA ILE B 141 4.52 9.66 -5.55
C ILE B 141 5.29 10.90 -5.08
N LEU B 142 6.37 11.27 -5.77
CA LEU B 142 7.13 12.50 -5.45
C LEU B 142 6.56 13.66 -6.25
N GLN B 143 6.33 14.78 -5.58
CA GLN B 143 5.76 16.00 -6.18
C GLN B 143 6.74 17.15 -5.97
N GLY B 144 6.85 18.03 -6.95
CA GLY B 144 7.69 19.25 -6.82
C GLY B 144 9.15 18.90 -6.72
N ASP B 145 9.83 19.43 -5.71
CA ASP B 145 11.28 19.31 -5.51
C ASP B 145 11.68 18.03 -4.77
N ALA B 146 10.74 17.21 -4.30
CA ALA B 146 11.07 16.05 -3.46
C ALA B 146 11.94 15.04 -4.23
N THR B 147 13.01 14.55 -3.59
CA THR B 147 13.91 13.52 -4.15
C THR B 147 14.26 12.50 -3.09
N THR B 148 14.58 11.28 -3.53
CA THR B 148 14.92 10.12 -2.65
C THR B 148 16.24 9.53 -3.08
N GLY B 149 16.98 8.91 -2.15
CA GLY B 149 18.20 8.15 -2.45
C GLY B 149 19.48 8.79 -1.89
N THR B 150 19.44 10.08 -1.53
CA THR B 150 20.60 10.82 -0.93
C THR B 150 20.81 10.37 0.53
N ASP B 151 21.79 9.49 0.77
CA ASP B 151 22.05 8.81 2.07
C ASP B 151 20.83 7.95 2.50
N GLY B 152 20.00 7.50 1.55
CA GLY B 152 18.77 6.75 1.86
C GLY B 152 17.69 7.62 2.50
N ASN B 153 17.82 8.92 2.38
CA ASN B 153 16.83 9.87 2.97
C ASN B 153 15.93 10.42 1.86
N LEU B 154 14.80 10.93 2.29
CA LEU B 154 13.85 11.70 1.44
C LEU B 154 14.10 13.19 1.68
N GLU B 155 14.54 13.94 0.67
CA GLU B 155 14.75 15.39 0.80
C GLU B 155 13.51 16.07 0.24
N LEU B 156 12.62 16.57 1.08
CA LEU B 156 11.34 17.11 0.55
C LEU B 156 11.61 18.38 -0.28
N THR B 157 12.59 19.16 0.14
CA THR B 157 12.98 20.42 -0.56
C THR B 157 14.45 20.40 -0.99
N ARG B 158 14.78 21.30 -1.92
CA ARG B 158 16.06 21.30 -2.66
C ARG B 158 17.24 21.51 -1.72
N VAL B 159 18.22 20.65 -1.86
CA VAL B 159 19.52 20.72 -1.13
C VAL B 159 20.61 20.67 -2.21
N SER B 160 21.71 21.42 -2.05
CA SER B 160 22.88 21.38 -2.97
C SER B 160 23.69 20.11 -2.69
N SER B 161 24.71 19.83 -3.51
CA SER B 161 25.60 18.64 -3.38
C SER B 161 26.34 18.61 -2.03
N ASN B 162 26.64 19.76 -1.41
CA ASN B 162 27.32 19.81 -0.08
C ASN B 162 26.28 19.89 1.05
N GLY B 163 24.99 19.72 0.73
CA GLY B 163 23.91 19.59 1.72
C GLY B 163 23.28 20.92 2.15
N SER B 164 23.56 22.02 1.45
CA SER B 164 23.06 23.39 1.75
C SER B 164 21.64 23.57 1.23
N PRO B 165 20.69 23.93 2.10
CA PRO B 165 19.30 24.05 1.67
C PRO B 165 19.10 25.28 0.80
N GLN B 166 18.09 25.24 -0.08
CA GLN B 166 17.76 26.32 -1.02
C GLN B 166 16.41 26.91 -0.65
N GLY B 167 16.27 28.20 -0.94
CA GLY B 167 15.03 28.96 -0.80
C GLY B 167 14.04 28.65 -1.91
N SER B 168 12.80 29.14 -1.77
CA SER B 168 11.75 29.10 -2.80
C SER B 168 11.58 27.65 -3.31
N SER B 169 11.47 26.69 -2.39
CA SER B 169 11.42 25.25 -2.74
C SER B 169 10.17 24.64 -2.10
N VAL B 170 9.50 23.71 -2.78
CA VAL B 170 8.32 22.99 -2.21
C VAL B 170 8.34 21.58 -2.76
N GLY B 171 7.98 20.59 -1.94
CA GLY B 171 8.07 19.20 -2.38
C GLY B 171 7.24 18.33 -1.48
N ARG B 172 6.73 17.23 -2.02
CA ARG B 172 5.90 16.33 -1.21
C ARG B 172 6.17 14.87 -1.62
N ALA B 173 5.85 13.95 -0.73
CA ALA B 173 5.88 12.49 -1.03
C ALA B 173 4.56 11.90 -0.51
N LEU B 174 3.84 11.20 -1.36
CA LEU B 174 2.57 10.54 -1.00
C LEU B 174 2.75 9.05 -1.19
N PHE B 175 2.21 8.27 -0.27
CA PHE B 175 2.15 6.82 -0.49
C PHE B 175 1.27 6.52 -1.69
N TYR B 176 1.72 5.56 -2.49
CA TYR B 176 1.08 5.29 -3.79
C TYR B 176 -0.39 4.85 -3.60
N ALA B 177 -0.68 3.93 -2.67
CA ALA B 177 -2.03 3.32 -2.55
C ALA B 177 -2.96 4.29 -1.83
N PRO B 178 -4.18 4.48 -2.33
CA PRO B 178 -5.24 5.13 -1.57
C PRO B 178 -5.49 4.37 -0.28
N VAL B 179 -5.90 5.13 0.73
CA VAL B 179 -6.17 4.66 2.10
C VAL B 179 -7.65 4.86 2.42
N HIS B 180 -8.27 3.82 2.96
CA HIS B 180 -9.69 3.90 3.33
C HIS B 180 -9.74 4.44 4.76
N ILE B 181 -9.97 5.74 4.91
CA ILE B 181 -9.68 6.42 6.19
C ILE B 181 -10.90 6.32 7.13
N TRP B 182 -12.11 6.20 6.57
CA TRP B 182 -13.38 6.03 7.34
C TRP B 182 -14.36 5.21 6.52
N GLU B 183 -15.29 4.55 7.19
CA GLU B 183 -16.35 3.75 6.54
C GLU B 183 -17.55 3.73 7.49
N SER B 184 -18.73 4.01 6.95
CA SER B 184 -19.98 4.28 7.73
C SER B 184 -20.32 3.07 8.62
N SER B 185 -19.98 1.84 8.21
CA SER B 185 -20.30 0.58 8.93
C SER B 185 -19.18 0.14 9.87
N ALA B 186 -18.02 0.81 9.89
CA ALA B 186 -16.91 0.46 10.79
C ALA B 186 -17.31 0.78 12.24
N VAL B 187 -16.95 -0.09 13.18
CA VAL B 187 -17.20 0.18 14.61
C VAL B 187 -16.05 1.02 15.14
N VAL B 188 -14.83 0.79 14.67
CA VAL B 188 -13.63 1.56 15.11
C VAL B 188 -12.71 1.71 13.90
N ALA B 189 -12.24 2.93 13.68
CA ALA B 189 -11.28 3.27 12.62
C ALA B 189 -10.15 4.03 13.32
N SER B 190 -8.89 3.72 13.01
CA SER B 190 -7.75 4.37 13.70
C SER B 190 -6.64 4.55 12.67
N PHE B 191 -5.89 5.61 12.81
CA PHE B 191 -4.60 5.69 12.10
C PHE B 191 -3.52 6.23 13.01
N GLU B 192 -2.29 5.96 12.64
CA GLU B 192 -1.12 6.54 13.32
C GLU B 192 -0.03 6.72 12.26
N ALA B 193 0.74 7.79 12.40
CA ALA B 193 1.91 8.07 11.54
C ALA B 193 3.08 8.47 12.42
N THR B 194 4.27 8.06 12.04
CA THR B 194 5.51 8.43 12.72
C THR B 194 6.50 8.84 11.61
N PHE B 195 7.25 9.91 11.80
CA PHE B 195 8.40 10.16 10.90
C PHE B 195 9.52 10.77 11.68
N THR B 196 10.73 10.60 11.18
CA THR B 196 11.91 11.27 11.77
C THR B 196 12.46 12.23 10.74
N PHE B 197 12.97 13.36 11.19
CA PHE B 197 13.25 14.52 10.32
C PHE B 197 14.51 15.19 10.84
N LEU B 198 15.21 15.88 9.94
CA LEU B 198 16.40 16.70 10.26
C LEU B 198 16.19 18.06 9.59
N ILE B 199 15.92 19.08 10.39
CA ILE B 199 15.76 20.48 9.89
C ILE B 199 17.03 21.23 10.31
N LYS B 200 17.82 21.67 9.34
CA LYS B 200 19.15 22.33 9.54
C LYS B 200 19.17 23.59 8.66
N SER B 201 19.64 24.71 9.22
CA SER B 201 19.66 26.03 8.51
C SER B 201 20.97 26.74 8.83
N PRO B 202 21.60 27.43 7.85
CA PRO B 202 22.62 28.43 8.18
C PRO B 202 21.99 29.74 8.71
N ASP B 203 20.74 30.01 8.31
CA ASP B 203 19.95 31.23 8.66
C ASP B 203 19.75 31.35 10.17
N SER B 204 19.80 32.58 10.70
CA SER B 204 19.28 32.93 12.05
C SER B 204 17.83 32.42 12.19
N HIS B 205 17.02 32.55 11.12
CA HIS B 205 15.62 32.08 11.01
C HIS B 205 15.49 30.96 9.97
N PRO B 206 15.36 29.67 10.37
CA PRO B 206 14.94 28.62 9.44
C PRO B 206 13.49 28.84 8.99
N ALA B 207 13.15 28.33 7.80
CA ALA B 207 11.79 28.35 7.26
C ALA B 207 11.69 27.23 6.23
N ASP B 208 10.48 26.72 5.95
CA ASP B 208 9.20 27.12 6.51
C ASP B 208 8.58 26.01 7.37
N GLY B 209 8.92 24.75 7.09
CA GLY B 209 8.43 23.65 7.96
C GLY B 209 8.15 22.39 7.17
N ILE B 210 7.68 21.37 7.89
CA ILE B 210 7.29 20.03 7.38
C ILE B 210 5.87 19.77 7.86
N ALA B 211 5.06 19.06 7.07
CA ALA B 211 3.73 18.64 7.51
C ALA B 211 3.54 17.18 7.13
N PHE B 212 2.85 16.45 8.00
CA PHE B 212 2.15 15.20 7.62
C PHE B 212 0.75 15.59 7.20
N PHE B 213 0.26 15.06 6.11
CA PHE B 213 -1.07 15.44 5.62
C PHE B 213 -1.83 14.26 5.03
N ILE B 214 -3.15 14.44 5.02
CA ILE B 214 -4.17 13.54 4.43
C ILE B 214 -4.99 14.37 3.48
N SER B 215 -5.13 13.88 2.25
CA SER B 215 -5.75 14.63 1.15
C SER B 215 -6.70 13.76 0.34
N ASN B 216 -7.53 14.41 -0.49
CA ASN B 216 -8.16 13.72 -1.64
C ASN B 216 -7.07 12.97 -2.41
N ILE B 217 -7.40 11.83 -3.00
CA ILE B 217 -6.38 10.93 -3.62
C ILE B 217 -5.63 11.68 -4.71
N ASP B 218 -6.30 12.59 -5.43
CA ASP B 218 -5.71 13.25 -6.63
C ASP B 218 -5.05 14.58 -6.23
N SER B 219 -4.69 14.76 -4.97
CA SER B 219 -4.05 15.99 -4.47
C SER B 219 -2.71 16.25 -5.16
N SER B 220 -2.44 17.52 -5.46
CA SER B 220 -1.13 17.97 -6.00
C SER B 220 -0.75 19.27 -5.26
N ILE B 221 0.52 19.66 -5.37
CA ILE B 221 1.07 20.91 -4.77
C ILE B 221 0.27 22.05 -5.38
N PRO B 222 -0.40 22.90 -4.55
CA PRO B 222 -1.11 24.05 -5.09
C PRO B 222 -0.10 25.02 -5.74
N SER B 223 -0.57 25.60 -6.81
CA SER B 223 0.18 26.67 -7.51
C SER B 223 0.61 27.73 -6.49
N GLY B 224 1.90 28.05 -6.46
CA GLY B 224 2.48 29.12 -5.65
C GLY B 224 2.73 28.75 -4.20
N SER B 225 2.54 27.49 -3.78
CA SER B 225 2.51 27.15 -2.33
C SER B 225 3.90 26.88 -1.73
N THR B 226 4.93 27.63 -2.13
CA THR B 226 6.22 27.70 -1.41
C THR B 226 6.00 28.49 -0.10
N GLY B 227 7.06 28.64 0.69
CA GLY B 227 7.05 29.50 1.88
C GLY B 227 5.95 29.07 2.85
N ARG B 228 5.16 30.03 3.31
CA ARG B 228 4.28 29.84 4.49
C ARG B 228 3.14 28.85 4.18
N LEU B 229 2.84 28.51 2.94
CA LEU B 229 1.67 27.65 2.62
C LEU B 229 2.11 26.15 2.63
N LEU B 230 3.39 25.86 2.84
CA LEU B 230 3.93 24.50 3.19
C LEU B 230 3.55 23.45 2.14
N GLY B 231 3.34 23.86 0.89
CA GLY B 231 2.96 22.92 -0.19
C GLY B 231 1.56 22.34 -0.02
N LEU B 232 0.70 22.90 0.82
CA LEU B 232 -0.61 22.28 1.18
C LEU B 232 -1.80 23.10 0.70
N PHE B 233 -1.71 24.44 0.72
CA PHE B 233 -2.89 25.33 0.56
C PHE B 233 -2.66 26.30 -0.59
N PRO B 234 -3.73 26.62 -1.35
CA PRO B 234 -3.62 27.53 -2.49
C PRO B 234 -3.54 29.00 -2.06
N ASP B 235 -3.85 29.30 -0.80
CA ASP B 235 -3.91 30.67 -0.24
C ASP B 235 -3.98 30.55 1.28
N ALA B 236 -3.98 31.70 1.97
CA ALA B 236 -3.87 31.76 3.43
C ALA B 236 -5.23 31.91 4.11
N ASN B 237 -6.33 31.64 3.40
CA ASN B 237 -7.69 31.78 3.97
C ASN B 237 -7.91 30.73 5.08
#